data_1O64
#
_entry.id   1O64
#
_cell.length_a   54.183
_cell.length_b   50.398
_cell.length_c   76.794
_cell.angle_alpha   90.00
_cell.angle_beta   94.60
_cell.angle_gamma   90.00
#
_symmetry.space_group_name_H-M   'P 1 21 1'
#
loop_
_entity.id
_entity.type
_entity.pdbx_description
1 polymer 'ATP phosphoribosyltransferase'
2 non-polymer 'PHOSPHATE ION'
3 water water
#
_entity_poly.entity_id   1
_entity_poly.type   'polypeptide(L)'
_entity_poly.pdbx_seq_one_letter_code
;SLLKLAIPKGRLEEKVMTYLKKTGVIFERESSILREGKDIVCFMVRPFDVPTYLVHGVADIGFCGTDVLLEKETSLIQPF
FIPTNISRMVLAGPKGRGIPEGEKRIATKFPNVTQRYCESKGWHCRIIPLKGSVELAPIAGLSDLIVDITETGRTLKENN
LEILDEIFVIRTHVVVNPVSYRTKREEVVSFLEKLQEVIEHDSNEQSRGEGGSHHHHHH
;
_entity_poly.pdbx_strand_id   A,B
#
# COMPACT_ATOMS: atom_id res chain seq x y z
N LEU A 3 13.74 -4.34 24.89
CA LEU A 3 13.58 -3.46 23.73
C LEU A 3 12.74 -4.10 22.63
N LYS A 4 11.79 -3.31 22.13
CA LYS A 4 10.92 -3.73 21.02
C LYS A 4 11.24 -2.86 19.81
N LEU A 5 11.52 -3.50 18.67
CA LEU A 5 11.91 -2.82 17.46
C LEU A 5 10.90 -2.97 16.33
N ALA A 6 10.70 -1.89 15.58
CA ALA A 6 9.77 -1.96 14.42
C ALA A 6 10.64 -1.92 13.17
N ILE A 7 10.67 -3.06 12.46
CA ILE A 7 11.51 -3.24 11.28
C ILE A 7 10.68 -3.18 10.00
N PRO A 8 11.17 -2.46 9.02
CA PRO A 8 10.50 -2.27 7.74
C PRO A 8 10.68 -3.44 6.79
N LYS A 9 9.58 -4.13 6.51
CA LYS A 9 9.66 -5.26 5.59
C LYS A 9 9.99 -4.69 4.21
N GLY A 10 10.52 -5.54 3.34
CA GLY A 10 10.82 -5.07 1.99
C GLY A 10 12.29 -4.78 1.78
N ARG A 11 12.50 -3.73 1.03
CA ARG A 11 13.78 -3.24 0.60
C ARG A 11 14.84 -3.10 1.69
N LEU A 12 14.51 -2.54 2.84
CA LEU A 12 15.48 -2.27 3.89
C LEU A 12 15.62 -3.40 4.88
N GLU A 13 14.74 -4.40 4.76
CA GLU A 13 14.71 -5.49 5.71
C GLU A 13 16.05 -6.18 5.91
N GLU A 14 16.71 -6.63 4.84
CA GLU A 14 17.98 -7.33 5.05
C GLU A 14 19.07 -6.44 5.61
N LYS A 15 19.17 -5.19 5.16
CA LYS A 15 20.19 -4.32 5.75
C LYS A 15 19.99 -4.17 7.26
N VAL A 16 18.80 -3.78 7.71
CA VAL A 16 18.51 -3.61 9.12
C VAL A 16 18.74 -4.88 9.93
N MET A 17 18.21 -6.01 9.49
CA MET A 17 18.38 -7.28 10.21
C MET A 17 19.85 -7.67 10.30
N THR A 18 20.64 -7.36 9.28
CA THR A 18 22.07 -7.68 9.30
C THR A 18 22.76 -6.79 10.33
N TYR A 19 22.33 -5.53 10.47
CA TYR A 19 22.93 -4.69 11.51
C TYR A 19 22.63 -5.31 12.88
N LEU A 20 21.37 -5.68 13.10
CA LEU A 20 20.97 -6.30 14.35
C LEU A 20 21.78 -7.57 14.60
N LYS A 21 21.95 -8.38 13.55
CA LYS A 21 22.76 -9.59 13.68
C LYS A 21 24.17 -9.19 14.12
N LYS A 22 24.77 -8.20 13.45
CA LYS A 22 26.10 -7.76 13.79
C LYS A 22 26.26 -7.20 15.19
N THR A 23 25.21 -6.71 15.84
CA THR A 23 25.33 -6.19 17.20
C THR A 23 25.17 -7.27 18.26
N GLY A 24 24.93 -8.51 17.86
CA GLY A 24 24.82 -9.59 18.83
C GLY A 24 23.43 -10.14 19.03
N VAL A 25 22.43 -9.54 18.39
CA VAL A 25 21.05 -10.02 18.57
C VAL A 25 20.90 -11.45 18.05
N ILE A 26 20.29 -12.30 18.88
CA ILE A 26 20.02 -13.69 18.51
C ILE A 26 18.53 -13.97 18.73
N PHE A 27 17.88 -14.61 17.77
CA PHE A 27 16.46 -14.93 17.83
C PHE A 27 16.19 -16.39 18.17
N GLU A 28 15.29 -16.60 19.12
CA GLU A 28 14.97 -17.97 19.52
C GLU A 28 13.74 -18.46 18.75
N ARG A 29 12.86 -17.50 18.45
CA ARG A 29 11.61 -17.82 17.77
C ARG A 29 11.35 -16.81 16.68
N GLU A 30 11.03 -17.30 15.48
CA GLU A 30 10.84 -16.45 14.33
C GLU A 30 9.65 -16.85 13.45
N SER A 31 8.89 -15.80 13.14
CA SER A 31 7.77 -15.88 12.23
C SER A 31 7.88 -14.71 11.23
N SER A 32 6.91 -14.67 10.32
CA SER A 32 6.83 -13.68 9.28
C SER A 32 6.64 -12.27 9.85
N ILE A 33 5.88 -12.19 10.94
CA ILE A 33 5.57 -10.94 11.58
C ILE A 33 6.32 -10.68 12.88
N LEU A 34 6.95 -11.69 13.48
CA LEU A 34 7.55 -11.46 14.79
C LEU A 34 8.86 -12.17 15.06
N ARG A 35 9.92 -11.48 15.46
CA ARG A 35 11.21 -12.12 15.76
C ARG A 35 11.55 -11.84 17.22
N GLU A 36 11.66 -12.91 18.01
CA GLU A 36 11.88 -12.82 19.44
C GLU A 36 13.18 -13.44 19.93
N GLY A 37 13.92 -12.63 20.68
CA GLY A 37 15.18 -13.05 21.30
C GLY A 37 15.20 -12.57 22.75
N LYS A 38 16.29 -12.82 23.46
CA LYS A 38 16.34 -12.37 24.86
C LYS A 38 16.45 -10.84 24.91
N ASP A 39 15.53 -10.19 25.61
CA ASP A 39 15.58 -8.73 25.70
C ASP A 39 15.45 -8.03 24.35
N ILE A 40 14.76 -8.66 23.40
CA ILE A 40 14.59 -8.05 22.10
C ILE A 40 13.50 -8.71 21.28
N VAL A 41 12.58 -7.89 20.79
CA VAL A 41 11.46 -8.38 19.98
C VAL A 41 11.38 -7.48 18.74
N CYS A 42 11.34 -8.08 17.57
CA CYS A 42 11.24 -7.33 16.33
C CYS A 42 9.85 -7.54 15.69
N PHE A 43 9.16 -6.45 15.49
CA PHE A 43 7.86 -6.38 14.84
C PHE A 43 8.15 -6.12 13.34
N MET A 44 7.93 -7.08 12.48
CA MET A 44 8.18 -6.98 11.05
C MET A 44 6.94 -6.38 10.38
N VAL A 45 7.00 -5.08 10.09
CA VAL A 45 5.82 -4.38 9.59
C VAL A 45 6.07 -3.66 8.26
N ARG A 46 4.98 -3.25 7.62
CA ARG A 46 5.15 -2.47 6.36
C ARG A 46 5.91 -1.19 6.76
N PRO A 47 6.74 -0.66 5.88
CA PRO A 47 7.55 0.51 6.12
C PRO A 47 6.81 1.71 6.65
N PHE A 48 5.67 2.04 6.02
CA PHE A 48 4.85 3.14 6.47
C PHE A 48 4.19 2.91 7.82
N ASP A 49 4.20 1.70 8.34
CA ASP A 49 3.58 1.40 9.65
C ASP A 49 4.61 1.50 10.77
N VAL A 50 5.87 1.71 10.41
CA VAL A 50 6.92 1.86 11.42
C VAL A 50 6.65 3.02 12.36
N PRO A 51 6.44 4.22 11.84
CA PRO A 51 6.14 5.38 12.65
C PRO A 51 4.91 5.20 13.52
N THR A 52 3.88 4.53 13.00
CA THR A 52 2.66 4.26 13.73
C THR A 52 2.93 3.44 14.99
N TYR A 53 3.76 2.39 14.88
CA TYR A 53 4.07 1.51 15.99
C TYR A 53 4.84 2.27 17.08
N LEU A 54 5.70 3.19 16.68
CA LEU A 54 6.45 3.99 17.63
C LEU A 54 5.57 5.06 18.29
N VAL A 55 4.87 5.83 17.46
CA VAL A 55 4.01 6.91 17.92
C VAL A 55 2.99 6.37 18.92
N HIS A 56 2.42 5.20 18.66
CA HIS A 56 1.47 4.57 19.56
C HIS A 56 2.16 3.98 20.77
N GLY A 57 3.48 3.99 20.83
CA GLY A 57 4.28 3.51 21.92
C GLY A 57 4.39 2.03 22.09
N VAL A 58 4.08 1.21 21.09
CA VAL A 58 4.21 -0.24 21.30
C VAL A 58 5.61 -0.71 20.94
N ALA A 59 6.39 0.10 20.23
CA ALA A 59 7.77 -0.23 19.90
C ALA A 59 8.67 0.88 20.45
N ASP A 60 9.93 0.56 20.74
CA ASP A 60 10.85 1.56 21.26
C ASP A 60 11.66 2.22 20.15
N ILE A 61 12.23 1.40 19.28
CA ILE A 61 13.10 1.87 18.19
C ILE A 61 12.59 1.30 16.87
N GLY A 62 12.74 2.04 15.80
CA GLY A 62 12.28 1.60 14.48
C GLY A 62 13.23 2.16 13.41
N PHE A 63 13.04 1.67 12.19
CA PHE A 63 13.83 2.01 11.02
C PHE A 63 12.90 2.27 9.82
N CYS A 64 13.21 3.25 9.00
CA CYS A 64 12.44 3.54 7.81
C CYS A 64 13.24 4.38 6.82
N GLY A 65 12.84 4.37 5.55
CA GLY A 65 13.53 5.17 4.54
C GLY A 65 13.09 6.62 4.66
N THR A 66 13.84 7.52 4.02
CA THR A 66 13.55 8.95 4.01
C THR A 66 12.17 9.21 3.43
N ASP A 67 11.74 8.42 2.45
CA ASP A 67 10.42 8.54 1.83
C ASP A 67 9.31 8.45 2.88
N VAL A 68 9.40 7.48 3.78
CA VAL A 68 8.42 7.35 4.86
C VAL A 68 8.48 8.58 5.78
N LEU A 69 9.69 8.87 6.26
CA LEU A 69 9.92 9.99 7.16
C LEU A 69 9.38 11.29 6.56
N LEU A 70 9.66 11.57 5.30
CA LEU A 70 9.16 12.83 4.74
C LEU A 70 7.71 12.78 4.35
N GLU A 71 7.17 11.61 4.01
CA GLU A 71 5.77 11.53 3.60
C GLU A 71 4.83 11.70 4.78
N LYS A 72 5.20 11.12 5.91
CA LYS A 72 4.37 11.25 7.12
C LYS A 72 5.20 11.82 8.26
N GLU A 73 4.96 13.08 8.57
CA GLU A 73 5.74 13.71 9.64
C GLU A 73 5.33 13.21 11.02
N THR A 74 6.35 12.95 11.86
CA THR A 74 6.16 12.53 13.22
C THR A 74 7.09 13.40 14.09
N SER A 75 7.07 13.13 15.40
CA SER A 75 7.96 13.83 16.30
C SER A 75 9.00 12.86 16.86
N LEU A 76 9.27 11.80 16.10
CA LEU A 76 10.25 10.80 16.50
C LEU A 76 11.66 11.38 16.53
N ILE A 77 12.50 10.83 17.38
CA ILE A 77 13.88 11.24 17.55
C ILE A 77 14.81 10.39 16.69
N GLN A 78 15.69 11.03 15.95
CA GLN A 78 16.69 10.36 15.14
C GLN A 78 18.05 10.54 15.86
N PRO A 79 18.51 9.50 16.51
CA PRO A 79 19.73 9.57 17.31
C PRO A 79 20.97 9.73 16.49
N PHE A 80 21.03 9.07 15.33
CA PHE A 80 22.24 9.17 14.50
C PHE A 80 21.94 8.92 13.04
N PHE A 81 22.89 9.21 12.17
CA PHE A 81 22.77 9.08 10.73
C PHE A 81 23.26 7.76 10.16
N ILE A 82 22.48 7.09 9.32
CA ILE A 82 22.88 5.84 8.66
C ILE A 82 23.26 6.18 7.22
N PRO A 83 24.54 6.04 6.88
CA PRO A 83 25.10 6.49 5.65
C PRO A 83 24.60 6.12 4.28
N THR A 84 24.62 4.85 3.92
CA THR A 84 24.31 4.42 2.58
C THR A 84 23.08 4.97 1.90
N ASN A 85 23.29 5.52 0.69
CA ASN A 85 22.16 6.02 -0.10
C ASN A 85 21.53 4.82 -0.81
N ILE A 86 20.28 4.51 -0.50
CA ILE A 86 19.60 3.36 -1.08
C ILE A 86 18.98 3.65 -2.44
N SER A 87 18.38 4.83 -2.59
CA SER A 87 17.68 5.19 -3.82
C SER A 87 17.38 6.68 -3.84
N ARG A 88 16.53 7.10 -4.78
CA ARG A 88 16.21 8.51 -4.93
C ARG A 88 14.75 8.73 -5.29
N MET A 89 14.20 9.80 -4.73
CA MET A 89 12.84 10.24 -5.02
C MET A 89 12.98 11.27 -6.15
N VAL A 90 12.39 11.00 -7.32
CA VAL A 90 12.56 11.91 -8.45
C VAL A 90 11.25 12.36 -9.05
N LEU A 91 11.33 13.41 -9.87
CA LEU A 91 10.20 13.88 -10.67
C LEU A 91 10.48 13.25 -12.06
N ALA A 92 9.50 12.63 -12.67
CA ALA A 92 9.72 12.03 -13.98
C ALA A 92 8.50 12.21 -14.87
N GLY A 93 8.69 12.18 -16.19
CA GLY A 93 7.59 12.34 -17.16
C GLY A 93 7.98 11.77 -18.53
N PRO A 94 7.01 11.66 -19.43
CA PRO A 94 7.26 11.15 -20.78
C PRO A 94 8.50 11.77 -21.37
N LYS A 95 9.43 10.94 -21.83
CA LYS A 95 10.69 11.40 -22.38
C LYS A 95 10.51 12.43 -23.49
N GLY A 96 11.35 13.46 -23.44
CA GLY A 96 11.37 14.56 -24.36
C GLY A 96 10.27 15.58 -24.23
N ARG A 97 9.12 15.24 -23.72
CA ARG A 97 7.95 16.07 -23.59
C ARG A 97 7.98 17.17 -22.56
N GLY A 98 8.97 17.23 -21.69
CA GLY A 98 9.09 18.27 -20.70
C GLY A 98 7.96 18.40 -19.70
N ILE A 99 7.89 19.56 -19.07
CA ILE A 99 6.92 19.92 -18.05
C ILE A 99 5.78 20.76 -18.61
N PRO A 100 4.56 20.45 -18.21
CA PRO A 100 3.38 21.19 -18.65
C PRO A 100 3.47 22.64 -18.20
N GLU A 101 2.96 23.55 -19.02
CA GLU A 101 2.97 24.97 -18.72
C GLU A 101 1.98 25.37 -17.65
N GLY A 102 0.76 24.85 -17.78
CA GLY A 102 -0.29 25.15 -16.82
C GLY A 102 -0.20 24.18 -15.63
N GLU A 103 -1.36 23.83 -15.11
CA GLU A 103 -1.50 22.93 -13.98
C GLU A 103 -0.84 21.58 -14.30
N LYS A 104 -0.02 21.07 -13.40
CA LYS A 104 0.66 19.80 -13.67
C LYS A 104 -0.06 18.65 -13.00
N ARG A 105 -0.40 17.61 -13.75
CA ARG A 105 -1.07 16.43 -13.15
C ARG A 105 0.04 15.44 -12.74
N ILE A 106 0.16 15.17 -11.45
CA ILE A 106 1.24 14.29 -10.99
C ILE A 106 0.68 13.13 -10.16
N ALA A 107 0.90 11.91 -10.65
CA ALA A 107 0.47 10.71 -9.93
C ALA A 107 1.62 10.28 -9.00
N THR A 108 1.26 9.75 -7.81
CA THR A 108 2.38 9.40 -6.91
C THR A 108 1.87 8.58 -5.75
N LYS A 109 2.76 7.88 -5.08
CA LYS A 109 2.43 7.16 -3.85
C LYS A 109 2.73 8.10 -2.68
N PHE A 110 3.38 9.22 -3.00
CA PHE A 110 3.80 10.18 -1.96
C PHE A 110 3.18 11.53 -2.17
N PRO A 111 1.89 11.69 -1.87
CA PRO A 111 1.18 12.94 -2.09
C PRO A 111 1.70 14.12 -1.30
N ASN A 112 2.03 13.96 -0.03
CA ASN A 112 2.55 15.08 0.77
C ASN A 112 3.89 15.54 0.25
N VAL A 113 4.76 14.58 -0.04
CA VAL A 113 6.07 14.90 -0.62
C VAL A 113 5.86 15.70 -1.92
N THR A 114 4.93 15.22 -2.75
CA THR A 114 4.63 15.84 -4.02
C THR A 114 4.06 17.24 -3.79
N GLN A 115 3.14 17.36 -2.84
CA GLN A 115 2.54 18.68 -2.55
C GLN A 115 3.64 19.66 -2.14
N ARG A 116 4.51 19.22 -1.23
CA ARG A 116 5.63 20.03 -0.77
C ARG A 116 6.52 20.46 -1.91
N TYR A 117 6.88 19.50 -2.79
CA TYR A 117 7.72 19.85 -3.94
C TYR A 117 7.05 20.89 -4.82
N CYS A 118 5.78 20.70 -5.15
CA CYS A 118 5.07 21.67 -6.02
C CYS A 118 5.11 23.08 -5.42
N GLU A 119 4.86 23.20 -4.13
CA GLU A 119 4.90 24.43 -3.38
C GLU A 119 6.24 25.15 -3.49
N SER A 120 7.35 24.41 -3.41
CA SER A 120 8.68 24.95 -3.51
C SER A 120 8.99 25.48 -4.91
N LYS A 121 8.22 25.03 -5.89
CA LYS A 121 8.36 25.42 -7.28
C LYS A 121 7.33 26.48 -7.66
N GLY A 122 6.42 26.78 -6.73
CA GLY A 122 5.34 27.73 -7.06
C GLY A 122 4.57 27.16 -8.27
N TRP A 123 4.26 25.88 -8.23
CA TRP A 123 3.56 25.22 -9.30
C TRP A 123 2.09 24.98 -8.93
N HIS A 124 1.28 24.88 -9.97
CA HIS A 124 -0.13 24.54 -9.76
C HIS A 124 -0.18 23.03 -10.09
N CYS A 125 -0.41 22.20 -9.09
CA CYS A 125 -0.42 20.77 -9.33
C CYS A 125 -1.74 20.12 -8.94
N ARG A 126 -2.02 19.04 -9.64
CA ARG A 126 -3.20 18.23 -9.35
C ARG A 126 -2.63 16.83 -9.03
N ILE A 127 -2.65 16.49 -7.76
CA ILE A 127 -2.01 15.27 -7.27
C ILE A 127 -2.90 14.07 -7.22
N ILE A 128 -2.53 13.01 -7.92
CA ILE A 128 -3.32 11.77 -7.96
C ILE A 128 -2.59 10.66 -7.21
N PRO A 129 -3.09 10.29 -6.04
CA PRO A 129 -2.48 9.28 -5.22
C PRO A 129 -2.67 7.89 -5.80
N LEU A 130 -1.61 7.12 -5.81
CA LEU A 130 -1.68 5.73 -6.32
C LEU A 130 -1.02 4.79 -5.30
N LYS A 131 -1.18 3.49 -5.47
CA LYS A 131 -0.58 2.54 -4.53
C LYS A 131 0.65 1.84 -5.09
N GLY A 132 0.89 1.89 -6.40
CA GLY A 132 2.02 1.16 -7.00
C GLY A 132 1.88 1.22 -8.52
N SER A 133 2.91 0.78 -9.23
CA SER A 133 2.97 0.85 -10.68
C SER A 133 2.64 2.28 -11.15
N VAL A 134 3.25 3.26 -10.49
CA VAL A 134 3.01 4.66 -10.78
C VAL A 134 3.51 5.02 -12.17
N GLU A 135 4.47 4.31 -12.72
CA GLU A 135 5.02 4.55 -14.04
C GLU A 135 4.00 4.33 -15.15
N LEU A 136 2.85 3.73 -14.88
CA LEU A 136 1.80 3.50 -15.85
C LEU A 136 0.93 4.75 -16.05
N ALA A 137 0.92 5.65 -15.07
CA ALA A 137 0.10 6.83 -15.12
C ALA A 137 0.21 7.69 -16.38
N PRO A 138 1.39 8.08 -16.83
CA PRO A 138 1.56 8.94 -17.99
C PRO A 138 1.09 8.28 -19.28
N ILE A 139 1.47 7.02 -19.49
CA ILE A 139 1.06 6.30 -20.68
C ILE A 139 -0.44 6.08 -20.75
N ALA A 140 -1.12 5.97 -19.61
CA ALA A 140 -2.56 5.79 -19.59
C ALA A 140 -3.30 7.13 -19.69
N GLY A 141 -2.60 8.26 -19.63
CA GLY A 141 -3.25 9.56 -19.68
C GLY A 141 -3.79 10.04 -18.35
N LEU A 142 -3.50 9.31 -17.25
CA LEU A 142 -3.98 9.68 -15.92
C LEU A 142 -3.27 10.94 -15.43
N SER A 143 -1.98 11.05 -15.73
CA SER A 143 -1.20 12.21 -15.30
C SER A 143 -0.19 12.59 -16.37
N ASP A 144 0.39 13.77 -16.20
CA ASP A 144 1.45 14.26 -17.05
C ASP A 144 2.83 13.80 -16.54
N LEU A 145 3.01 13.86 -15.22
CA LEU A 145 4.29 13.54 -14.60
C LEU A 145 4.04 12.60 -13.42
N ILE A 146 5.12 12.12 -12.81
CA ILE A 146 5.00 11.29 -11.63
C ILE A 146 6.12 11.70 -10.65
N VAL A 147 5.87 11.42 -9.37
CA VAL A 147 6.93 11.57 -8.37
C VAL A 147 7.06 10.15 -7.76
N ASP A 148 8.23 9.56 -7.95
CA ASP A 148 8.40 8.18 -7.46
C ASP A 148 9.83 7.87 -7.12
N ILE A 149 10.06 6.67 -6.61
CA ILE A 149 11.42 6.25 -6.27
C ILE A 149 12.07 5.50 -7.44
N THR A 150 13.37 5.69 -7.60
CA THR A 150 14.14 4.97 -8.60
C THR A 150 15.49 4.59 -7.99
N GLU A 151 16.05 3.46 -8.41
CA GLU A 151 17.37 3.07 -7.87
C GLU A 151 18.41 3.19 -8.99
N THR A 152 18.11 2.63 -10.16
CA THR A 152 19.04 2.74 -11.27
C THR A 152 18.40 3.41 -12.49
N GLY A 153 17.09 3.63 -12.45
CA GLY A 153 16.41 4.27 -13.58
C GLY A 153 15.92 3.26 -14.61
N ARG A 154 16.10 1.98 -14.34
CA ARG A 154 15.70 0.90 -15.21
C ARG A 154 14.21 0.93 -15.53
N THR A 155 13.38 0.89 -14.50
CA THR A 155 11.94 0.90 -14.68
C THR A 155 11.45 2.14 -15.42
N LEU A 156 12.03 3.31 -15.16
CA LEU A 156 11.66 4.54 -15.84
C LEU A 156 12.06 4.46 -17.32
N LYS A 157 13.32 4.11 -17.56
CA LYS A 157 13.87 3.95 -18.89
C LYS A 157 13.02 3.06 -19.78
N GLU A 158 12.68 1.88 -19.27
CA GLU A 158 11.89 0.89 -19.98
C GLU A 158 10.47 1.34 -20.28
N ASN A 159 9.96 2.33 -19.55
CA ASN A 159 8.63 2.87 -19.77
C ASN A 159 8.73 4.25 -20.44
N ASN A 160 9.90 4.54 -21.00
CA ASN A 160 10.25 5.76 -21.67
C ASN A 160 9.95 7.02 -20.89
N LEU A 161 10.20 6.98 -19.59
CA LEU A 161 10.06 8.17 -18.76
C LEU A 161 11.51 8.63 -18.53
N GLU A 162 11.72 9.90 -18.28
CA GLU A 162 13.05 10.42 -18.03
C GLU A 162 12.99 11.22 -16.72
N ILE A 163 14.13 11.28 -16.04
CA ILE A 163 14.19 12.00 -14.78
C ILE A 163 14.34 13.49 -15.07
N LEU A 164 13.41 14.28 -14.57
CA LEU A 164 13.40 15.71 -14.75
C LEU A 164 13.99 16.46 -13.56
N ASP A 165 13.94 15.83 -12.39
CA ASP A 165 14.47 16.50 -11.21
C ASP A 165 14.68 15.46 -10.10
N GLU A 166 15.73 15.70 -9.32
CA GLU A 166 16.08 14.86 -8.19
C GLU A 166 15.52 15.54 -6.94
N ILE A 167 14.50 15.00 -6.33
CA ILE A 167 13.90 15.63 -5.15
C ILE A 167 14.70 15.38 -3.90
N PHE A 168 15.03 14.13 -3.60
CA PHE A 168 15.84 13.84 -2.43
C PHE A 168 16.44 12.43 -2.56
N VAL A 169 17.59 12.30 -1.96
CA VAL A 169 18.25 11.00 -1.87
C VAL A 169 17.60 10.26 -0.71
N ILE A 170 17.36 8.97 -0.88
CA ILE A 170 16.71 8.19 0.19
C ILE A 170 17.70 7.33 0.92
N ARG A 171 17.67 7.35 2.24
CA ARG A 171 18.55 6.50 3.05
C ARG A 171 17.71 5.84 4.14
N THR A 172 18.35 5.01 4.94
CA THR A 172 17.72 4.37 6.07
C THR A 172 17.89 5.31 7.27
N HIS A 173 16.89 5.37 8.12
CA HIS A 173 16.93 6.21 9.31
C HIS A 173 16.57 5.38 10.54
N VAL A 174 17.13 5.76 11.68
CA VAL A 174 16.79 5.09 12.95
C VAL A 174 15.97 6.13 13.72
N VAL A 175 14.81 5.73 14.22
CA VAL A 175 13.88 6.62 14.91
C VAL A 175 13.50 5.98 16.24
N VAL A 176 13.39 6.80 17.28
CA VAL A 176 13.13 6.27 18.61
C VAL A 176 11.88 6.92 19.20
N ASN A 177 11.11 6.11 19.89
CA ASN A 177 9.93 6.59 20.62
C ASN A 177 10.44 7.48 21.76
N PRO A 178 9.99 8.73 21.79
CA PRO A 178 10.38 9.69 22.80
C PRO A 178 10.21 9.16 24.23
N VAL A 179 9.06 8.60 24.54
CA VAL A 179 8.74 8.02 25.82
C VAL A 179 9.74 6.94 26.23
N SER A 180 10.05 6.01 25.33
CA SER A 180 11.02 4.96 25.56
C SER A 180 12.40 5.56 25.85
N TYR A 181 12.72 6.63 25.12
CA TYR A 181 13.97 7.31 25.28
C TYR A 181 14.16 7.76 26.73
N ARG A 182 13.08 8.22 27.37
CA ARG A 182 13.19 8.62 28.77
C ARG A 182 13.00 7.46 29.73
N THR A 183 12.03 6.57 29.53
CA THR A 183 11.83 5.49 30.49
C THR A 183 12.85 4.38 30.48
N LYS A 184 13.62 4.17 29.44
CA LYS A 184 14.61 3.12 29.31
C LYS A 184 15.93 3.74 28.82
N ARG A 185 16.17 4.96 29.28
CA ARG A 185 17.30 5.75 28.85
C ARG A 185 18.60 5.03 28.66
N GLU A 186 19.23 4.50 29.73
CA GLU A 186 20.51 3.85 29.55
C GLU A 186 20.42 2.62 28.66
N GLU A 187 19.34 1.86 28.74
CA GLU A 187 19.21 0.68 27.87
C GLU A 187 19.20 1.09 26.40
N VAL A 188 18.46 2.15 26.09
CA VAL A 188 18.36 2.63 24.70
C VAL A 188 19.68 3.24 24.28
N VAL A 189 20.25 4.10 25.13
CA VAL A 189 21.56 4.69 24.79
C VAL A 189 22.56 3.60 24.45
N SER A 190 22.67 2.60 25.34
CA SER A 190 23.63 1.52 25.14
C SER A 190 23.43 0.82 23.81
N PHE A 191 22.22 0.31 23.58
CA PHE A 191 21.93 -0.37 22.32
C PHE A 191 22.26 0.51 21.14
N LEU A 192 21.85 1.78 21.19
CA LEU A 192 22.12 2.73 20.13
C LEU A 192 23.61 2.96 19.89
N GLU A 193 24.41 2.97 20.96
CA GLU A 193 25.87 3.10 20.79
C GLU A 193 26.43 1.89 20.03
N LYS A 194 26.07 0.69 20.46
CA LYS A 194 26.57 -0.50 19.75
C LYS A 194 26.12 -0.51 18.28
N LEU A 195 24.84 -0.20 18.07
CA LEU A 195 24.28 -0.16 16.71
C LEU A 195 25.08 0.77 15.83
N GLN A 196 25.33 1.99 16.29
CA GLN A 196 26.11 2.98 15.57
C GLN A 196 27.53 2.47 15.26
N GLU A 197 28.14 1.80 16.23
CA GLU A 197 29.47 1.22 16.02
C GLU A 197 29.40 0.28 14.81
N VAL A 198 28.51 -0.70 14.88
CA VAL A 198 28.31 -1.67 13.81
C VAL A 198 27.87 -1.01 12.50
N ILE A 199 26.92 -0.08 12.60
CA ILE A 199 26.42 0.60 11.41
C ILE A 199 27.49 1.42 10.71
N GLU A 200 28.28 2.15 11.50
CA GLU A 200 29.37 2.95 10.94
C GLU A 200 30.26 2.04 10.08
N HIS A 201 30.72 0.96 10.72
CA HIS A 201 31.54 -0.02 10.04
C HIS A 201 30.90 -0.54 8.76
N ASP A 202 29.69 -1.10 8.85
CA ASP A 202 28.99 -1.67 7.72
C ASP A 202 28.88 -0.73 6.53
N SER A 203 28.30 0.44 6.76
CA SER A 203 28.09 1.43 5.72
C SER A 203 29.37 1.97 5.09
N ASN A 204 30.42 2.20 5.86
CA ASN A 204 31.66 2.73 5.33
C ASN A 204 32.63 1.66 4.85
N GLU A 205 32.83 0.62 5.65
CA GLU A 205 33.74 -0.46 5.30
C GLU A 205 32.99 -1.79 5.35
N LEU B 3 -11.75 0.55 -26.21
CA LEU B 3 -12.08 0.35 -24.79
C LEU B 3 -10.80 0.17 -23.95
N LYS B 4 -10.74 0.89 -22.85
CA LYS B 4 -9.61 0.76 -21.92
C LYS B 4 -10.09 0.14 -20.61
N LEU B 5 -9.45 -0.94 -20.23
CA LEU B 5 -9.81 -1.67 -19.02
C LEU B 5 -8.77 -1.51 -17.91
N ALA B 6 -9.23 -1.31 -16.68
CA ALA B 6 -8.38 -1.25 -15.50
C ALA B 6 -8.48 -2.60 -14.79
N ILE B 7 -7.44 -3.41 -14.90
CA ILE B 7 -7.39 -4.76 -14.35
C ILE B 7 -6.64 -4.77 -13.02
N PRO B 8 -7.24 -5.35 -11.98
CA PRO B 8 -6.62 -5.42 -10.67
C PRO B 8 -5.50 -6.44 -10.68
N LYS B 9 -4.28 -5.96 -10.46
CA LYS B 9 -3.12 -6.82 -10.40
C LYS B 9 -3.21 -7.75 -9.19
N GLY B 10 -2.63 -8.94 -9.31
CA GLY B 10 -2.60 -9.84 -8.17
C GLY B 10 -3.50 -11.05 -8.24
N ARG B 11 -4.15 -11.31 -7.11
CA ARG B 11 -5.02 -12.41 -6.86
C ARG B 11 -6.11 -12.66 -7.88
N LEU B 12 -6.77 -11.61 -8.37
CA LEU B 12 -7.85 -11.74 -9.33
C LEU B 12 -7.42 -11.67 -10.77
N GLU B 13 -6.16 -11.37 -11.01
CA GLU B 13 -5.61 -11.20 -12.34
C GLU B 13 -5.90 -12.21 -13.41
N GLU B 14 -5.43 -13.47 -13.31
CA GLU B 14 -5.65 -14.40 -14.41
C GLU B 14 -7.10 -14.77 -14.64
N LYS B 15 -7.91 -14.86 -13.61
CA LYS B 15 -9.32 -15.14 -13.78
C LYS B 15 -9.96 -14.11 -14.72
N VAL B 16 -9.76 -12.83 -14.39
CA VAL B 16 -10.27 -11.72 -15.19
C VAL B 16 -9.73 -11.79 -16.61
N MET B 17 -8.42 -12.04 -16.73
CA MET B 17 -7.78 -12.14 -18.03
C MET B 17 -8.34 -13.32 -18.83
N THR B 18 -8.68 -14.41 -18.14
CA THR B 18 -9.26 -15.58 -18.79
C THR B 18 -10.66 -15.23 -19.33
N TYR B 19 -11.42 -14.54 -18.47
CA TYR B 19 -12.74 -14.05 -18.88
C TYR B 19 -12.61 -13.16 -20.11
N LEU B 20 -11.68 -12.21 -20.08
CA LEU B 20 -11.48 -11.34 -21.24
C LEU B 20 -11.10 -12.18 -22.45
N LYS B 21 -10.21 -13.16 -22.23
CA LYS B 21 -9.81 -14.08 -23.29
C LYS B 21 -11.01 -14.79 -23.89
N LYS B 22 -11.93 -15.28 -23.06
CA LYS B 22 -13.13 -15.95 -23.53
C LYS B 22 -14.04 -15.04 -24.33
N THR B 23 -14.03 -13.73 -24.08
CA THR B 23 -14.89 -12.82 -24.84
C THR B 23 -14.37 -12.65 -26.26
N GLY B 24 -13.10 -12.97 -26.49
CA GLY B 24 -12.49 -12.84 -27.81
C GLY B 24 -11.40 -11.78 -27.86
N VAL B 25 -10.90 -11.33 -26.71
CA VAL B 25 -9.84 -10.32 -26.73
C VAL B 25 -8.58 -10.89 -27.40
N ILE B 26 -7.84 -10.03 -28.08
CA ILE B 26 -6.61 -10.46 -28.74
C ILE B 26 -5.50 -9.42 -28.54
N PHE B 27 -4.50 -9.77 -27.73
CA PHE B 27 -3.38 -8.87 -27.48
C PHE B 27 -2.27 -8.99 -28.51
N GLU B 28 -1.66 -7.86 -28.81
CA GLU B 28 -0.57 -7.77 -29.79
C GLU B 28 0.75 -7.48 -29.08
N ARG B 29 0.67 -6.81 -27.94
CA ARG B 29 1.84 -6.47 -27.14
C ARG B 29 1.49 -6.59 -25.65
N GLU B 30 2.39 -7.12 -24.84
CA GLU B 30 2.12 -7.31 -23.42
C GLU B 30 3.31 -7.00 -22.52
N SER B 31 3.07 -6.21 -21.50
CA SER B 31 4.06 -5.90 -20.49
C SER B 31 3.43 -6.18 -19.13
N SER B 32 4.19 -6.05 -18.04
CA SER B 32 3.67 -6.29 -16.72
C SER B 32 2.57 -5.32 -16.29
N ILE B 33 2.53 -4.12 -16.84
CA ILE B 33 1.57 -3.11 -16.48
C ILE B 33 0.61 -2.74 -17.61
N LEU B 34 0.86 -3.25 -18.82
CA LEU B 34 0.00 -2.93 -19.95
C LEU B 34 -0.10 -4.00 -21.00
N ARG B 35 -1.33 -4.28 -21.41
CA ARG B 35 -1.54 -5.28 -22.47
C ARG B 35 -2.41 -4.63 -23.51
N GLU B 36 -1.91 -4.52 -24.76
CA GLU B 36 -2.66 -3.79 -25.79
C GLU B 36 -2.84 -4.62 -27.05
N GLY B 37 -4.01 -4.45 -27.66
CA GLY B 37 -4.35 -5.17 -28.89
C GLY B 37 -5.38 -4.34 -29.66
N LYS B 38 -5.83 -4.89 -30.79
CA LYS B 38 -6.84 -4.19 -31.59
C LYS B 38 -8.01 -3.77 -30.71
N ASP B 39 -8.31 -2.49 -30.62
CA ASP B 39 -9.48 -2.03 -29.89
C ASP B 39 -9.53 -2.25 -28.40
N ILE B 40 -8.65 -3.00 -27.75
CA ILE B 40 -8.73 -3.16 -26.29
C ILE B 40 -7.35 -2.95 -25.68
N VAL B 41 -7.31 -2.12 -24.64
CA VAL B 41 -6.08 -1.86 -23.90
C VAL B 41 -6.34 -2.17 -22.42
N CYS B 42 -5.44 -2.89 -21.78
CA CYS B 42 -5.58 -3.21 -20.36
C CYS B 42 -4.53 -2.54 -19.49
N PHE B 43 -4.96 -1.80 -18.49
CA PHE B 43 -3.98 -1.21 -17.56
C PHE B 43 -3.97 -2.10 -16.31
N MET B 44 -2.83 -2.72 -16.02
CA MET B 44 -2.70 -3.66 -14.89
C MET B 44 -2.28 -2.86 -13.67
N VAL B 45 -3.26 -2.55 -12.80
CA VAL B 45 -2.99 -1.65 -11.69
C VAL B 45 -3.28 -2.29 -10.34
N ARG B 46 -2.89 -1.61 -9.27
CA ARG B 46 -3.18 -2.15 -7.94
C ARG B 46 -4.70 -2.09 -7.75
N PRO B 47 -5.26 -3.09 -7.10
CA PRO B 47 -6.71 -3.15 -6.88
C PRO B 47 -7.29 -1.87 -6.37
N PHE B 48 -6.68 -1.18 -5.41
CA PHE B 48 -7.25 0.04 -4.89
C PHE B 48 -7.18 1.20 -5.87
N ASP B 49 -6.40 1.11 -6.92
CA ASP B 49 -6.26 2.14 -7.92
C ASP B 49 -7.27 1.96 -9.07
N VAL B 50 -8.00 0.85 -9.12
CA VAL B 50 -8.97 0.66 -10.23
C VAL B 50 -9.93 1.82 -10.36
N PRO B 51 -10.60 2.26 -9.30
CA PRO B 51 -11.51 3.38 -9.35
C PRO B 51 -10.86 4.68 -9.78
N THR B 52 -9.60 4.91 -9.38
CA THR B 52 -8.89 6.12 -9.77
C THR B 52 -8.56 6.18 -11.24
N TYR B 53 -8.48 5.05 -11.94
CA TYR B 53 -8.30 5.06 -13.38
C TYR B 53 -9.64 5.18 -14.12
N LEU B 54 -10.78 4.95 -13.47
CA LEU B 54 -12.06 5.03 -14.20
C LEU B 54 -12.68 6.42 -14.15
N VAL B 55 -11.93 7.45 -14.53
CA VAL B 55 -12.34 8.83 -14.49
C VAL B 55 -12.10 9.52 -15.84
N HIS B 56 -12.83 10.63 -16.01
CA HIS B 56 -12.71 11.40 -17.25
C HIS B 56 -12.51 10.49 -18.44
N GLY B 57 -11.48 10.72 -19.25
CA GLY B 57 -11.22 9.85 -20.40
C GLY B 57 -10.06 8.91 -20.17
N VAL B 58 -9.80 8.35 -18.98
CA VAL B 58 -8.64 7.43 -18.88
C VAL B 58 -9.04 6.00 -19.02
N ALA B 59 -9.88 5.40 -18.15
CA ALA B 59 -10.29 4.01 -18.44
C ALA B 59 -11.80 3.92 -18.55
N ASP B 60 -12.33 2.89 -19.21
CA ASP B 60 -13.76 2.74 -19.41
C ASP B 60 -14.43 1.73 -18.49
N ILE B 61 -13.84 0.55 -18.36
CA ILE B 61 -14.37 -0.57 -17.60
C ILE B 61 -13.31 -1.10 -16.64
N GLY B 62 -13.67 -1.44 -15.41
CA GLY B 62 -12.70 -1.96 -14.46
C GLY B 62 -13.30 -3.11 -13.64
N PHE B 63 -12.45 -3.78 -12.86
CA PHE B 63 -12.85 -4.87 -11.98
C PHE B 63 -12.27 -4.67 -10.57
N CYS B 64 -13.08 -4.73 -9.53
CA CYS B 64 -12.54 -4.61 -8.18
C CYS B 64 -13.47 -5.19 -7.11
N GLY B 65 -12.80 -5.59 -6.03
CA GLY B 65 -13.53 -6.22 -4.94
C GLY B 65 -14.46 -5.25 -4.26
N THR B 66 -15.41 -5.83 -3.54
CA THR B 66 -16.36 -5.10 -2.71
C THR B 66 -15.58 -4.25 -1.71
N ASP B 67 -14.49 -4.79 -1.15
CA ASP B 67 -13.65 -4.06 -0.23
C ASP B 67 -13.24 -2.70 -0.79
N VAL B 68 -12.69 -2.67 -2.00
CA VAL B 68 -12.30 -1.40 -2.59
C VAL B 68 -13.48 -0.45 -2.70
N LEU B 69 -14.61 -0.93 -3.23
CA LEU B 69 -15.78 -0.13 -3.46
C LEU B 69 -16.38 0.39 -2.16
N LEU B 70 -16.39 -0.45 -1.11
CA LEU B 70 -16.96 0.07 0.14
C LEU B 70 -16.01 0.99 0.87
N GLU B 71 -14.70 0.81 0.70
CA GLU B 71 -13.72 1.65 1.41
C GLU B 71 -13.60 3.03 0.78
N LYS B 72 -13.60 3.04 -0.56
CA LYS B 72 -13.48 4.28 -1.31
C LYS B 72 -14.84 4.66 -1.88
N GLU B 73 -15.29 5.86 -1.58
CA GLU B 73 -16.59 6.33 -2.12
C GLU B 73 -16.38 6.60 -3.62
N THR B 74 -17.04 5.82 -4.47
CA THR B 74 -16.89 5.99 -5.89
C THR B 74 -18.24 6.32 -6.56
N SER B 75 -18.18 6.97 -7.71
CA SER B 75 -19.41 7.15 -8.50
C SER B 75 -19.06 6.34 -9.77
N LEU B 76 -19.40 5.07 -9.73
CA LEU B 76 -19.13 4.15 -10.80
C LEU B 76 -20.43 3.41 -11.13
N ILE B 77 -20.61 3.12 -12.39
CA ILE B 77 -21.79 2.30 -12.77
C ILE B 77 -21.43 0.86 -12.46
N GLN B 78 -22.35 0.10 -11.88
CA GLN B 78 -22.11 -1.28 -11.50
C GLN B 78 -23.11 -2.20 -12.13
N PRO B 79 -22.89 -2.67 -13.36
CA PRO B 79 -23.84 -3.50 -14.08
C PRO B 79 -24.07 -4.86 -13.47
N PHE B 80 -23.03 -5.54 -12.99
CA PHE B 80 -23.08 -6.88 -12.44
C PHE B 80 -21.76 -7.28 -11.78
N PHE B 81 -21.66 -8.49 -11.24
CA PHE B 81 -20.41 -8.93 -10.64
C PHE B 81 -20.11 -10.37 -11.02
N ILE B 82 -18.92 -10.84 -10.68
CA ILE B 82 -18.48 -12.21 -10.91
C ILE B 82 -18.87 -12.94 -9.61
N PRO B 83 -19.62 -14.02 -9.72
CA PRO B 83 -20.15 -14.75 -8.61
C PRO B 83 -19.18 -15.32 -7.59
N THR B 84 -18.02 -15.82 -7.97
CA THR B 84 -17.10 -16.45 -7.04
C THR B 84 -16.86 -15.73 -5.72
N ASN B 85 -17.03 -16.49 -4.63
CA ASN B 85 -16.83 -16.03 -3.27
C ASN B 85 -15.34 -16.16 -2.92
N ILE B 86 -14.58 -15.15 -3.28
CA ILE B 86 -13.17 -15.10 -3.02
C ILE B 86 -12.77 -14.96 -1.58
N SER B 87 -13.50 -14.19 -0.78
CA SER B 87 -13.08 -13.98 0.61
C SER B 87 -14.09 -13.16 1.40
N ARG B 88 -13.75 -12.76 2.63
CA ARG B 88 -14.68 -12.05 3.47
C ARG B 88 -13.99 -10.95 4.32
N MET B 89 -14.71 -9.86 4.56
CA MET B 89 -14.24 -8.81 5.45
C MET B 89 -14.82 -9.16 6.84
N VAL B 90 -13.94 -9.32 7.82
CA VAL B 90 -14.40 -9.73 9.14
C VAL B 90 -13.83 -8.86 10.27
N LEU B 91 -14.47 -8.97 11.41
CA LEU B 91 -14.02 -8.38 12.67
C LEU B 91 -13.30 -9.53 13.39
N ALA B 92 -12.06 -9.33 13.84
CA ALA B 92 -11.34 -10.43 14.50
C ALA B 92 -10.56 -9.93 15.70
N GLY B 93 -10.25 -10.85 16.62
CA GLY B 93 -9.51 -10.52 17.84
C GLY B 93 -8.90 -11.79 18.45
N PRO B 94 -8.00 -11.61 19.40
CA PRO B 94 -7.33 -12.70 20.10
C PRO B 94 -8.34 -13.71 20.64
N LYS B 95 -8.08 -14.96 20.32
CA LYS B 95 -8.88 -16.12 20.72
C LYS B 95 -9.36 -16.01 22.16
N GLY B 96 -10.67 -16.03 22.39
CA GLY B 96 -11.27 -16.00 23.68
C GLY B 96 -11.49 -14.68 24.38
N ARG B 97 -10.75 -13.64 24.03
CA ARG B 97 -10.85 -12.31 24.62
C ARG B 97 -12.13 -11.57 24.31
N GLY B 98 -12.77 -11.86 23.17
CA GLY B 98 -14.02 -11.21 22.84
C GLY B 98 -13.89 -9.71 22.60
N ILE B 99 -14.98 -8.98 22.80
CA ILE B 99 -14.99 -7.54 22.57
C ILE B 99 -14.80 -6.74 23.84
N PRO B 100 -13.80 -5.89 23.88
CA PRO B 100 -13.49 -5.05 25.03
C PRO B 100 -14.60 -4.03 25.28
N GLU B 101 -14.84 -3.74 26.56
CA GLU B 101 -15.88 -2.76 26.91
C GLU B 101 -15.42 -1.35 26.57
N GLY B 102 -16.37 -0.45 26.34
CA GLY B 102 -16.08 0.93 26.05
C GLY B 102 -15.48 1.14 24.66
N GLU B 103 -14.39 1.89 24.61
CA GLU B 103 -13.77 2.21 23.32
C GLU B 103 -12.97 1.02 22.81
N LYS B 104 -13.19 0.61 21.56
CA LYS B 104 -12.45 -0.54 21.03
C LYS B 104 -11.35 -0.03 20.08
N ARG B 105 -10.12 -0.45 20.33
CA ARG B 105 -9.00 -0.05 19.47
C ARG B 105 -8.95 -1.08 18.33
N ILE B 106 -9.18 -0.61 17.10
CA ILE B 106 -9.23 -1.53 15.96
C ILE B 106 -8.20 -1.15 14.90
N ALA B 107 -7.28 -2.07 14.58
CA ALA B 107 -6.32 -1.79 13.52
C ALA B 107 -6.91 -2.28 12.19
N THR B 108 -6.58 -1.60 11.07
CA THR B 108 -7.18 -2.06 9.81
C THR B 108 -6.53 -1.39 8.61
N LYS B 109 -6.73 -2.00 7.45
CA LYS B 109 -6.29 -1.40 6.18
C LYS B 109 -7.47 -0.68 5.53
N PHE B 110 -8.63 -0.83 6.18
CA PHE B 110 -9.90 -0.27 5.74
C PHE B 110 -10.56 0.60 6.80
N PRO B 111 -10.04 1.80 7.05
CA PRO B 111 -10.54 2.70 8.05
C PRO B 111 -11.96 3.19 7.82
N ASN B 112 -12.33 3.50 6.58
CA ASN B 112 -13.71 3.95 6.32
C ASN B 112 -14.68 2.82 6.60
N VAL B 113 -14.39 1.62 6.09
CA VAL B 113 -15.22 0.46 6.36
C VAL B 113 -15.37 0.24 7.86
N THR B 114 -14.28 0.35 8.60
CA THR B 114 -14.31 0.14 10.05
C THR B 114 -15.13 1.21 10.75
N GLN B 115 -14.96 2.46 10.32
CA GLN B 115 -15.70 3.58 10.90
C GLN B 115 -17.20 3.37 10.71
N ARG B 116 -17.63 3.00 9.49
CA ARG B 116 -19.04 2.72 9.25
C ARG B 116 -19.53 1.53 10.07
N TYR B 117 -18.67 0.51 10.18
CA TYR B 117 -19.03 -0.68 10.94
C TYR B 117 -19.26 -0.32 12.40
N CYS B 118 -18.32 0.40 13.00
CA CYS B 118 -18.47 0.84 14.39
C CYS B 118 -19.73 1.67 14.58
N GLU B 119 -19.99 2.61 13.68
CA GLU B 119 -21.22 3.41 13.80
C GLU B 119 -22.45 2.52 13.78
N SER B 120 -22.52 1.52 12.90
CA SER B 120 -23.66 0.63 12.81
C SER B 120 -23.86 -0.22 14.06
N LYS B 121 -22.83 -0.42 14.87
CA LYS B 121 -22.93 -1.18 16.10
C LYS B 121 -23.18 -0.26 17.30
N GLY B 122 -22.99 1.03 17.11
CA GLY B 122 -23.14 1.99 18.21
C GLY B 122 -21.89 2.00 19.07
N TRP B 123 -20.74 1.63 18.49
CA TRP B 123 -19.51 1.56 19.21
C TRP B 123 -18.63 2.82 19.08
N HIS B 124 -17.94 3.11 20.20
CA HIS B 124 -16.93 4.18 20.14
C HIS B 124 -15.64 3.41 19.78
N CYS B 125 -15.05 3.76 18.65
CA CYS B 125 -13.84 3.08 18.24
C CYS B 125 -12.63 3.98 18.03
N ARG B 126 -11.45 3.43 18.27
CA ARG B 126 -10.21 4.15 17.98
C ARG B 126 -9.55 3.35 16.82
N ILE B 127 -9.65 3.92 15.63
CA ILE B 127 -9.18 3.23 14.42
C ILE B 127 -7.73 3.51 14.10
N ILE B 128 -6.95 2.45 13.89
CA ILE B 128 -5.53 2.54 13.57
C ILE B 128 -5.26 1.98 12.18
N PRO B 129 -5.08 2.85 11.19
CA PRO B 129 -4.81 2.45 9.83
C PRO B 129 -3.44 1.79 9.70
N LEU B 130 -3.40 0.68 9.00
CA LEU B 130 -2.14 -0.05 8.76
C LEU B 130 -2.12 -0.39 7.26
N LYS B 131 -0.95 -0.71 6.73
CA LYS B 131 -0.83 -1.02 5.31
C LYS B 131 -0.78 -2.52 5.05
N GLY B 132 -0.49 -3.32 6.08
CA GLY B 132 -0.45 -4.78 5.85
C GLY B 132 -0.10 -5.50 7.14
N SER B 133 -0.10 -6.83 7.09
CA SER B 133 0.18 -7.63 8.29
C SER B 133 -0.60 -7.10 9.48
N VAL B 134 -1.88 -6.88 9.27
CA VAL B 134 -2.76 -6.34 10.29
C VAL B 134 -2.90 -7.26 11.48
N GLU B 135 -2.74 -8.56 11.31
CA GLU B 135 -2.82 -9.55 12.37
C GLU B 135 -1.79 -9.37 13.46
N LEU B 136 -0.73 -8.58 13.22
CA LEU B 136 0.29 -8.32 14.21
C LEU B 136 -0.19 -7.34 15.27
N ALA B 137 -1.15 -6.46 14.93
CA ALA B 137 -1.60 -5.44 15.86
C ALA B 137 -2.05 -5.92 17.22
N PRO B 138 -2.99 -6.83 17.30
CA PRO B 138 -3.48 -7.37 18.56
C PRO B 138 -2.37 -8.04 19.35
N ILE B 139 -1.49 -8.77 18.66
CA ILE B 139 -0.37 -9.46 19.24
C ILE B 139 0.65 -8.50 19.84
N ALA B 140 0.92 -7.39 19.16
CA ALA B 140 1.86 -6.39 19.61
C ALA B 140 1.26 -5.43 20.63
N GLY B 141 -0.05 -5.50 20.86
CA GLY B 141 -0.68 -4.58 21.79
C GLY B 141 -1.05 -3.25 21.15
N LEU B 142 -1.00 -3.17 19.81
CA LEU B 142 -1.37 -1.91 19.13
C LEU B 142 -2.88 -1.76 19.11
N SER B 143 -3.60 -2.89 19.06
CA SER B 143 -5.06 -2.80 19.07
C SER B 143 -5.66 -3.99 19.81
N ASP B 144 -6.94 -3.89 20.11
CA ASP B 144 -7.71 -4.94 20.74
C ASP B 144 -8.25 -5.87 19.65
N LEU B 145 -8.71 -5.24 18.54
CA LEU B 145 -9.36 -5.98 17.46
C LEU B 145 -8.82 -5.57 16.09
N ILE B 146 -9.15 -6.34 15.05
CA ILE B 146 -8.81 -5.98 13.68
C ILE B 146 -10.05 -6.18 12.78
N VAL B 147 -10.09 -5.45 11.69
CA VAL B 147 -11.08 -5.53 10.64
C VAL B 147 -10.21 -5.77 9.40
N ASP B 148 -10.30 -6.94 8.81
CA ASP B 148 -9.41 -7.31 7.72
C ASP B 148 -10.06 -8.42 6.89
N ILE B 149 -9.47 -8.70 5.75
CA ILE B 149 -9.95 -9.73 4.85
C ILE B 149 -9.41 -11.08 5.26
N THR B 150 -10.26 -12.09 5.14
CA THR B 150 -9.85 -13.46 5.42
C THR B 150 -10.31 -14.32 4.22
N GLU B 151 -9.49 -15.29 3.88
CA GLU B 151 -9.88 -16.18 2.77
C GLU B 151 -10.04 -17.59 3.34
N THR B 152 -8.93 -18.19 3.73
CA THR B 152 -8.99 -19.54 4.30
C THR B 152 -9.20 -19.50 5.80
N GLY B 153 -8.78 -18.41 6.43
CA GLY B 153 -8.90 -18.25 7.88
C GLY B 153 -7.60 -18.68 8.57
N ARG B 154 -6.62 -19.08 7.78
CA ARG B 154 -5.35 -19.57 8.26
C ARG B 154 -4.49 -18.51 8.91
N THR B 155 -4.38 -17.34 8.28
CA THR B 155 -3.60 -16.25 8.89
C THR B 155 -4.16 -15.92 10.27
N LEU B 156 -5.47 -15.87 10.41
CA LEU B 156 -6.08 -15.58 11.70
C LEU B 156 -5.83 -16.75 12.67
N LYS B 157 -6.20 -17.96 12.27
CA LYS B 157 -6.09 -19.15 13.11
C LYS B 157 -4.70 -19.39 13.65
N GLU B 158 -3.68 -19.27 12.81
CA GLU B 158 -2.30 -19.49 13.18
C GLU B 158 -1.68 -18.37 13.98
N ASN B 159 -2.41 -17.27 14.17
CA ASN B 159 -1.99 -16.17 15.01
C ASN B 159 -2.91 -16.08 16.23
N ASN B 160 -3.67 -17.13 16.47
CA ASN B 160 -4.59 -17.21 17.59
C ASN B 160 -5.63 -16.11 17.62
N LEU B 161 -6.15 -15.79 16.44
CA LEU B 161 -7.18 -14.79 16.26
C LEU B 161 -8.45 -15.50 15.81
N GLU B 162 -9.59 -15.13 16.36
CA GLU B 162 -10.82 -15.79 15.93
C GLU B 162 -11.73 -14.73 15.33
N ILE B 163 -12.60 -15.20 14.44
CA ILE B 163 -13.57 -14.29 13.81
C ILE B 163 -14.70 -13.97 14.76
N LEU B 164 -14.96 -12.72 15.03
CA LEU B 164 -16.03 -12.27 15.90
C LEU B 164 -17.26 -11.80 15.14
N ASP B 165 -17.12 -11.49 13.85
CA ASP B 165 -18.27 -11.04 13.08
C ASP B 165 -17.94 -10.96 11.58
N GLU B 166 -18.87 -11.40 10.76
CA GLU B 166 -18.68 -11.36 9.30
C GLU B 166 -19.27 -10.02 8.83
N ILE B 167 -18.44 -9.13 8.31
CA ILE B 167 -18.98 -7.82 7.90
C ILE B 167 -19.56 -7.92 6.50
N PHE B 168 -18.83 -8.49 5.53
CA PHE B 168 -19.35 -8.67 4.19
C PHE B 168 -18.50 -9.64 3.39
N VAL B 169 -19.18 -10.30 2.45
CA VAL B 169 -18.51 -11.23 1.54
C VAL B 169 -17.91 -10.35 0.42
N ILE B 170 -16.75 -10.70 -0.08
CA ILE B 170 -16.12 -9.93 -1.11
C ILE B 170 -16.26 -10.58 -2.48
N ARG B 171 -16.77 -9.80 -3.44
CA ARG B 171 -16.85 -10.36 -4.80
C ARG B 171 -16.25 -9.38 -5.78
N THR B 172 -15.89 -9.85 -6.97
CA THR B 172 -15.34 -9.00 -8.01
C THR B 172 -16.43 -8.31 -8.82
N HIS B 173 -16.61 -7.01 -8.61
CA HIS B 173 -17.58 -6.22 -9.32
C HIS B 173 -17.06 -5.71 -10.68
N VAL B 174 -17.94 -5.73 -11.68
CA VAL B 174 -17.57 -5.07 -12.94
C VAL B 174 -18.06 -3.62 -12.76
N VAL B 175 -17.19 -2.65 -12.95
CA VAL B 175 -17.49 -1.25 -12.77
C VAL B 175 -17.19 -0.49 -14.07
N VAL B 176 -17.97 0.55 -14.30
CA VAL B 176 -17.84 1.34 -15.54
C VAL B 176 -17.80 2.83 -15.23
N ASN B 177 -16.89 3.51 -15.90
CA ASN B 177 -16.76 4.97 -15.81
C ASN B 177 -18.02 5.60 -16.42
N PRO B 178 -18.72 6.42 -15.68
CA PRO B 178 -19.97 7.04 -16.11
C PRO B 178 -19.81 7.85 -17.39
N VAL B 179 -18.69 8.55 -17.53
CA VAL B 179 -18.39 9.31 -18.74
C VAL B 179 -18.37 8.33 -19.92
N SER B 180 -17.59 7.24 -19.79
CA SER B 180 -17.51 6.25 -20.85
C SER B 180 -18.86 5.65 -21.21
N TYR B 181 -19.70 5.42 -20.20
CA TYR B 181 -21.02 4.88 -20.46
C TYR B 181 -21.89 5.83 -21.29
N ARG B 182 -21.63 7.12 -21.21
CA ARG B 182 -22.30 8.15 -21.96
C ARG B 182 -21.72 8.27 -23.39
N THR B 183 -20.41 8.43 -23.48
CA THR B 183 -19.73 8.64 -24.74
C THR B 183 -19.42 7.39 -25.54
N LYS B 184 -19.41 6.20 -24.95
CA LYS B 184 -19.11 4.99 -25.74
C LYS B 184 -20.13 3.91 -25.40
N ARG B 185 -21.39 4.32 -25.27
CA ARG B 185 -22.47 3.45 -24.89
C ARG B 185 -22.53 2.09 -25.57
N GLU B 186 -22.62 2.10 -26.90
CA GLU B 186 -22.78 0.89 -27.68
C GLU B 186 -21.64 -0.10 -27.49
N GLU B 187 -20.41 0.41 -27.59
CA GLU B 187 -19.21 -0.38 -27.44
C GLU B 187 -19.07 -0.95 -26.02
N VAL B 188 -19.40 -0.14 -25.01
CA VAL B 188 -19.35 -0.63 -23.62
C VAL B 188 -20.36 -1.75 -23.43
N VAL B 189 -21.60 -1.48 -23.82
CA VAL B 189 -22.67 -2.48 -23.71
C VAL B 189 -22.34 -3.72 -24.51
N SER B 190 -21.86 -3.55 -25.74
CA SER B 190 -21.48 -4.73 -26.53
C SER B 190 -20.50 -5.62 -25.79
N PHE B 191 -19.45 -5.04 -25.19
CA PHE B 191 -18.49 -5.84 -24.44
C PHE B 191 -19.13 -6.49 -23.20
N LEU B 192 -19.89 -5.72 -22.44
CA LEU B 192 -20.52 -6.23 -21.21
C LEU B 192 -21.42 -7.43 -21.47
N GLU B 193 -22.17 -7.45 -22.58
CA GLU B 193 -22.98 -8.64 -22.88
C GLU B 193 -22.12 -9.86 -23.09
N LYS B 194 -21.05 -9.71 -23.91
CA LYS B 194 -20.17 -10.87 -24.13
C LYS B 194 -19.61 -11.37 -22.81
N LEU B 195 -19.20 -10.43 -21.94
CA LEU B 195 -18.67 -10.81 -20.64
C LEU B 195 -19.71 -11.51 -19.78
N GLN B 196 -20.93 -10.96 -19.74
CA GLN B 196 -21.99 -11.56 -18.92
C GLN B 196 -22.32 -12.97 -19.41
N GLU B 197 -22.26 -13.23 -20.71
CA GLU B 197 -22.51 -14.59 -21.22
C GLU B 197 -21.40 -15.54 -20.77
N VAL B 198 -20.14 -15.10 -20.83
CA VAL B 198 -19.02 -15.94 -20.43
C VAL B 198 -19.11 -16.29 -18.95
N ILE B 199 -19.49 -15.31 -18.13
CA ILE B 199 -19.61 -15.52 -16.69
C ILE B 199 -20.62 -16.63 -16.42
N GLU B 200 -21.80 -16.50 -17.02
CA GLU B 200 -22.85 -17.51 -16.86
C GLU B 200 -22.33 -18.90 -17.21
N HIS B 201 -22.15 -19.17 -18.49
CA HIS B 201 -21.63 -20.47 -18.93
C HIS B 201 -20.64 -21.02 -17.92
N ASP B 202 -19.51 -20.34 -17.78
CA ASP B 202 -18.49 -20.72 -16.81
C ASP B 202 -19.09 -20.89 -15.41
#